data_4KI2
#
_entry.id   4KI2
#
_cell.length_a   118.110
_cell.length_b   118.110
_cell.length_c   200.845
_cell.angle_alpha   90.00
_cell.angle_beta   90.00
_cell.angle_gamma   120.00
#
_symmetry.space_group_name_H-M   'P 62 2 2'
#
loop_
_entity.id
_entity.type
_entity.pdbx_description
1 polymer "DNA (5'-D(*TP*GP*TP*AP*CP*AP*AP*TP*GP*GP*G)-3')"
2 polymer 'RNA polymerase sigma factor'
3 non-polymer 'POTASSIUM ION'
#
loop_
_entity_poly.entity_id
_entity_poly.type
_entity_poly.pdbx_seq_one_letter_code
_entity_poly.pdbx_strand_id
1 'polydeoxyribonucleotide' (DT)(DG)(DT)(DA)(DC)(DA)(DA)(DT)(DG)(DG)(DG) D,E,F,G
2 'polypeptide(L)'
;GPHMTSDPVRQYLHEIGQVPLLTLEEEIDLARKVEEGMEAIKKLSEATGLDQELIREVVRAKILGTARIQKIPGLKEKPD
PKTVEEVDGKLKSLPKELKRYLHIAREGEAARQHLIEANLRLVVSIAKKYTGRGLSFLDLIQEGNQGLIRAVEKFEYKRR
FKFSTYATWWIRQAINRAIADQARTIRIPVHMVETINKLSRTARQLQQELGREPSYEEIAEAMGPGWDAKRVEETLKIAQ
EPVSL
;
A,B
#
loop_
_chem_comp.id
_chem_comp.type
_chem_comp.name
_chem_comp.formula
DA DNA linking 2'-DEOXYADENOSINE-5'-MONOPHOSPHATE 'C10 H14 N5 O6 P'
DC DNA linking 2'-DEOXYCYTIDINE-5'-MONOPHOSPHATE 'C9 H14 N3 O7 P'
DG DNA linking 2'-DEOXYGUANOSINE-5'-MONOPHOSPHATE 'C10 H14 N5 O7 P'
DT DNA linking THYMIDINE-5'-MONOPHOSPHATE 'C10 H15 N2 O8 P'
K non-polymer 'POTASSIUM ION' 'K 1'
#
# COMPACT_ATOMS: atom_id res chain seq x y z
N SER E 6 9.33 44.02 8.15
CA SER E 6 9.53 42.60 8.36
C SER E 6 10.16 42.23 9.71
N ASP E 7 10.09 40.95 10.09
CA ASP E 7 10.61 40.47 11.39
C ASP E 7 11.20 39.04 11.33
N PRO E 8 10.48 38.04 11.91
CA PRO E 8 10.84 36.62 11.82
C PRO E 8 10.14 35.99 10.61
N VAL E 9 9.41 36.86 9.90
CA VAL E 9 8.68 36.50 8.71
C VAL E 9 9.53 36.80 7.47
N ARG E 10 10.52 37.67 7.65
CA ARG E 10 11.60 37.81 6.68
C ARG E 10 12.12 36.40 6.37
N GLN E 11 12.18 35.56 7.41
CA GLN E 11 12.61 34.19 7.22
C GLN E 11 11.67 33.43 6.30
N TYR E 12 10.37 33.58 6.50
CA TYR E 12 9.39 32.91 5.64
C TYR E 12 9.55 33.30 4.18
N LEU E 13 9.52 34.60 3.90
CA LEU E 13 9.62 35.09 2.54
C LEU E 13 10.89 34.57 1.93
N HIS E 14 11.94 34.53 2.74
CA HIS E 14 13.20 34.04 2.23
C HIS E 14 13.08 32.56 1.93
N GLU E 15 12.30 31.84 2.73
CA GLU E 15 12.11 30.42 2.53
C GLU E 15 11.42 30.15 1.20
N ILE E 16 10.43 30.97 0.86
CA ILE E 16 9.60 30.71 -0.32
C ILE E 16 10.19 31.25 -1.62
N GLY E 17 10.83 32.42 -1.53
CA GLY E 17 11.45 33.04 -2.68
C GLY E 17 12.37 32.11 -3.43
N GLN E 18 12.91 31.14 -2.70
CA GLN E 18 13.73 30.08 -3.27
C GLN E 18 12.96 29.33 -4.35
N VAL E 19 11.87 28.69 -3.92
CA VAL E 19 11.05 27.82 -4.76
C VAL E 19 10.68 28.47 -6.08
N PRO E 20 11.19 27.86 -7.17
CA PRO E 20 11.03 28.39 -8.52
C PRO E 20 9.61 28.09 -8.98
N LEU E 21 9.08 28.93 -9.86
CA LEU E 21 7.74 28.70 -10.36
C LEU E 21 7.74 27.48 -11.30
N LEU E 22 6.65 26.71 -11.26
CA LEU E 22 6.44 25.61 -12.19
C LEU E 22 6.10 26.08 -13.60
N THR E 23 6.71 25.46 -14.59
CA THR E 23 6.23 25.58 -15.96
C THR E 23 4.82 25.01 -16.08
N LEU E 24 4.19 25.22 -17.23
CA LEU E 24 2.85 24.69 -17.43
C LEU E 24 2.79 23.16 -17.30
N GLU E 25 3.65 22.48 -18.06
CA GLU E 25 3.67 21.02 -18.11
C GLU E 25 3.92 20.44 -16.73
N GLU E 26 4.77 21.13 -15.95
CA GLU E 26 4.95 20.76 -14.56
C GLU E 26 3.60 20.82 -13.83
N GLU E 27 3.03 22.03 -13.69
CA GLU E 27 1.64 22.23 -13.20
C GLU E 27 0.68 21.08 -13.56
N ILE E 28 0.58 20.75 -14.85
CA ILE E 28 -0.32 19.68 -15.25
C ILE E 28 0.08 18.36 -14.61
N ASP E 29 1.33 17.96 -14.82
CA ASP E 29 1.75 16.62 -14.38
CA ASP E 29 1.71 16.61 -14.40
C ASP E 29 1.46 16.42 -12.91
N LEU E 30 1.86 17.40 -12.11
CA LEU E 30 1.53 17.39 -10.68
C LEU E 30 0.04 17.28 -10.45
N ALA E 31 -0.70 18.23 -11.02
CA ALA E 31 -2.12 18.26 -10.79
C ALA E 31 -2.76 16.92 -11.16
N ARG E 32 -2.17 16.24 -12.14
CA ARG E 32 -2.64 14.91 -12.51
C ARG E 32 -2.35 13.98 -11.33
N LYS E 33 -1.13 14.06 -10.82
CA LYS E 33 -0.70 13.20 -9.73
C LYS E 33 -1.56 13.38 -8.51
N VAL E 34 -1.90 14.62 -8.19
CA VAL E 34 -2.77 14.87 -7.04
C VAL E 34 -4.14 14.27 -7.25
N GLU E 35 -4.65 14.45 -8.45
CA GLU E 35 -6.00 13.97 -8.77
C GLU E 35 -5.99 12.47 -8.63
N GLU E 36 -4.92 11.89 -9.16
CA GLU E 36 -4.83 10.46 -9.16
C GLU E 36 -4.65 9.93 -7.75
N GLY E 37 -3.90 10.69 -6.93
CA GLY E 37 -3.71 10.39 -5.52
C GLY E 37 -5.01 10.19 -4.76
N MET E 38 -5.88 11.20 -4.84
CA MET E 38 -7.19 11.17 -4.20
C MET E 38 -8.06 10.03 -4.69
N GLU E 39 -7.97 9.72 -5.99
CA GLU E 39 -8.72 8.60 -6.55
C GLU E 39 -8.28 7.31 -5.88
N ALA E 40 -6.97 7.11 -5.81
CA ALA E 40 -6.42 5.99 -5.07
C ALA E 40 -6.94 5.99 -3.63
N ILE E 41 -6.54 6.98 -2.82
CA ILE E 41 -7.08 7.18 -1.47
C ILE E 41 -8.57 6.87 -1.31
N LYS E 42 -9.31 6.98 -2.39
CA LYS E 42 -10.70 6.60 -2.37
C LYS E 42 -10.79 5.07 -2.35
N LYS E 43 -10.13 4.40 -3.29
CA LYS E 43 -10.07 2.94 -3.30
C LYS E 43 -9.54 2.37 -1.99
N LEU E 44 -8.62 3.10 -1.37
CA LEU E 44 -8.03 2.68 -0.10
C LEU E 44 -8.98 2.86 1.06
N SER E 45 -9.67 4.00 1.10
CA SER E 45 -10.72 4.19 2.10
C SER E 45 -11.80 3.13 1.88
N GLU E 46 -11.98 2.71 0.63
CA GLU E 46 -12.95 1.69 0.28
C GLU E 46 -12.58 0.31 0.80
N ALA E 47 -11.30 -0.04 0.77
CA ALA E 47 -10.88 -1.34 1.29
C ALA E 47 -10.68 -1.33 2.81
N THR E 48 -9.94 -0.36 3.34
CA THR E 48 -9.70 -0.38 4.77
C THR E 48 -10.73 0.39 5.60
N GLY E 49 -11.84 0.80 4.98
CA GLY E 49 -12.89 1.50 5.69
C GLY E 49 -12.40 2.54 6.69
N LEU E 50 -11.44 3.36 6.26
CA LEU E 50 -11.00 4.51 7.07
C LEU E 50 -11.43 5.81 6.39
N ASP E 51 -11.37 6.92 7.12
CA ASP E 51 -11.74 8.20 6.54
C ASP E 51 -10.74 8.57 5.44
N GLN E 52 -11.26 9.01 4.30
CA GLN E 52 -10.44 9.42 3.18
C GLN E 52 -9.51 10.56 3.57
N GLU E 53 -10.02 11.50 4.36
CA GLU E 53 -9.24 12.66 4.81
CA GLU E 53 -9.21 12.65 4.75
C GLU E 53 -8.23 12.23 5.85
N LEU E 54 -8.52 11.14 6.54
CA LEU E 54 -7.59 10.57 7.51
C LEU E 54 -6.39 9.98 6.77
N ILE E 55 -6.66 8.95 5.96
CA ILE E 55 -5.68 8.31 5.09
C ILE E 55 -4.67 9.27 4.46
N ARG E 56 -5.19 10.26 3.72
CA ARG E 56 -4.30 11.26 3.17
CA ARG E 56 -4.36 11.32 3.18
C ARG E 56 -3.46 11.90 4.26
N GLU E 57 -4.09 12.54 5.25
CA GLU E 57 -3.40 13.21 6.35
C GLU E 57 -2.22 12.41 6.91
N VAL E 58 -2.41 11.10 6.98
CA VAL E 58 -1.36 10.17 7.37
C VAL E 58 -0.26 10.19 6.31
N VAL E 59 -0.63 9.79 5.08
CA VAL E 59 0.28 9.81 3.93
C VAL E 59 1.08 11.12 3.82
N ARG E 60 0.39 12.24 3.85
CA ARG E 60 1.05 13.55 3.89
C ARG E 60 2.11 13.71 4.99
N ALA E 61 1.80 13.27 6.21
CA ALA E 61 2.70 13.50 7.35
C ALA E 61 3.95 12.64 7.20
N LYS E 62 3.83 11.56 6.43
CA LYS E 62 4.96 10.74 6.03
C LYS E 62 5.89 11.48 5.09
N ILE E 63 5.36 11.81 3.91
CA ILE E 63 6.16 12.41 2.85
C ILE E 63 6.48 13.89 3.08
N LEU E 64 5.90 14.50 4.12
CA LEU E 64 6.22 15.87 4.48
C LEU E 64 7.71 16.02 4.78
N GLY E 65 8.39 14.89 5.00
CA GLY E 65 9.84 14.89 5.18
C GLY E 65 10.57 15.45 3.99
N THR E 66 10.18 15.00 2.80
CA THR E 66 10.78 15.42 1.52
C THR E 66 10.34 16.83 1.05
N ALA E 67 9.65 17.56 1.91
CA ALA E 67 9.18 18.90 1.56
C ALA E 67 10.28 19.95 1.59
N ARG E 68 10.13 20.97 0.76
CA ARG E 68 11.08 22.08 0.66
C ARG E 68 10.76 23.19 1.66
N ILE E 69 9.50 23.21 2.11
CA ILE E 69 9.07 24.13 3.16
C ILE E 69 8.28 23.37 4.23
N GLN E 70 8.71 23.48 5.49
CA GLN E 70 8.09 22.73 6.57
C GLN E 70 7.04 23.54 7.34
N LYS E 71 7.40 24.76 7.72
CA LYS E 71 6.51 25.51 8.61
C LYS E 71 5.59 26.50 7.93
N ILE E 72 4.64 25.97 7.17
CA ILE E 72 3.77 26.81 6.35
C ILE E 72 2.54 27.32 7.11
N PRO E 73 2.44 28.65 7.26
CA PRO E 73 1.35 29.39 7.92
C PRO E 73 -0.02 28.91 7.44
N GLY E 74 -1.06 29.11 8.25
CA GLY E 74 -2.42 28.77 7.85
C GLY E 74 -2.73 27.31 7.49
N LEU E 75 -1.71 26.54 7.14
CA LEU E 75 -1.88 25.10 6.88
C LEU E 75 -2.00 24.33 8.22
N LYS E 76 -2.51 23.11 8.16
CA LYS E 76 -2.86 22.34 9.36
C LYS E 76 -1.91 21.18 9.62
N GLU E 77 -1.24 21.22 10.76
CA GLU E 77 -0.16 20.30 11.09
C GLU E 77 -0.59 18.92 11.60
N LYS E 78 0.38 18.23 12.19
CA LYS E 78 0.14 16.96 12.84
C LYS E 78 0.01 15.80 11.86
N PRO E 79 -0.93 14.87 12.14
CA PRO E 79 -1.86 14.91 13.28
C PRO E 79 -1.30 14.31 14.58
N ASP E 80 -1.48 13.00 14.76
CA ASP E 80 -0.95 12.30 15.94
C ASP E 80 -0.23 10.99 15.56
N PRO E 81 0.97 10.78 16.13
CA PRO E 81 1.88 9.71 15.73
C PRO E 81 1.27 8.34 15.92
N LYS E 82 0.40 8.19 16.92
CA LYS E 82 -0.23 6.90 17.13
C LYS E 82 -1.15 6.61 15.94
N THR E 83 -2.09 7.51 15.66
CA THR E 83 -3.02 7.30 14.54
C THR E 83 -2.23 7.12 13.25
N VAL E 84 -1.19 7.94 13.07
CA VAL E 84 -0.25 7.75 11.98
C VAL E 84 0.23 6.31 12.00
N GLU E 85 0.71 5.88 13.17
CA GLU E 85 1.19 4.52 13.39
C GLU E 85 0.14 3.45 13.16
N GLU E 86 -1.00 3.53 13.84
CA GLU E 86 -2.07 2.53 13.63
C GLU E 86 -2.40 2.49 12.15
N VAL E 87 -2.84 3.64 11.63
CA VAL E 87 -3.35 3.72 10.26
C VAL E 87 -2.33 3.20 9.26
N ASP E 88 -1.12 3.75 9.30
CA ASP E 88 -0.07 3.29 8.39
C ASP E 88 0.18 1.80 8.55
N GLY E 89 0.06 1.32 9.79
CA GLY E 89 0.22 -0.08 10.07
C GLY E 89 -0.76 -0.87 9.23
N LYS E 90 -2.05 -0.58 9.43
CA LYS E 90 -3.14 -1.23 8.71
C LYS E 90 -2.93 -1.12 7.20
N LEU E 91 -2.34 0.01 6.79
CA LEU E 91 -2.15 0.32 5.38
C LEU E 91 -1.04 -0.51 4.74
N LYS E 92 0.17 -0.42 5.30
CA LYS E 92 1.35 -1.11 4.76
C LYS E 92 1.14 -2.62 4.77
N SER E 93 0.52 -3.09 5.84
CA SER E 93 0.22 -4.51 6.04
C SER E 93 -0.84 -5.03 5.07
N LEU E 94 -1.45 -4.12 4.32
CA LEU E 94 -2.47 -4.49 3.36
C LEU E 94 -1.93 -5.42 2.30
N PRO E 95 -2.83 -6.08 1.57
CA PRO E 95 -2.57 -6.99 0.44
C PRO E 95 -1.62 -6.45 -0.62
N LYS E 96 -1.25 -7.31 -1.55
CA LYS E 96 -0.16 -7.03 -2.48
C LYS E 96 -0.71 -6.49 -3.78
N GLU E 97 -1.88 -7.00 -4.17
CA GLU E 97 -2.59 -6.50 -5.35
C GLU E 97 -2.95 -5.01 -5.21
N LEU E 98 -3.09 -4.56 -3.98
CA LEU E 98 -3.31 -3.15 -3.76
C LEU E 98 -1.99 -2.45 -4.03
N LYS E 99 -1.09 -2.46 -3.03
CA LYS E 99 0.29 -1.98 -3.19
C LYS E 99 0.43 -0.75 -4.09
N ARG E 100 0.20 -0.97 -5.39
CA ARG E 100 0.20 0.08 -6.42
C ARG E 100 -0.51 1.32 -5.90
N TYR E 101 -1.76 1.16 -5.49
CA TYR E 101 -2.57 2.24 -4.93
C TYR E 101 -1.91 3.04 -3.81
N LEU E 102 -1.08 2.40 -3.00
CA LEU E 102 -0.45 3.11 -1.90
C LEU E 102 0.64 4.02 -2.46
N HIS E 103 1.23 3.58 -3.54
CA HIS E 103 2.31 4.30 -4.21
CA HIS E 103 2.31 4.31 -4.17
C HIS E 103 1.74 5.60 -4.79
N ILE E 104 0.67 5.44 -5.57
CA ILE E 104 -0.03 6.56 -6.17
C ILE E 104 -0.43 7.60 -5.14
N ALA E 105 -1.23 7.16 -4.18
CA ALA E 105 -1.56 7.98 -3.02
C ALA E 105 -0.34 8.69 -2.44
N ARG E 106 0.79 8.01 -2.43
CA ARG E 106 2.01 8.62 -1.90
C ARG E 106 2.39 9.74 -2.82
N GLU E 107 2.47 9.41 -4.11
CA GLU E 107 2.87 10.36 -5.14
CA GLU E 107 2.87 10.37 -5.15
C GLU E 107 1.99 11.61 -5.12
N GLY E 108 0.68 11.43 -5.23
CA GLY E 108 -0.27 12.51 -5.21
C GLY E 108 -0.05 13.52 -4.09
N GLU E 109 -0.03 13.02 -2.86
CA GLU E 109 0.17 13.90 -1.71
C GLU E 109 1.49 14.64 -1.76
N ALA E 110 2.47 14.00 -2.39
CA ALA E 110 3.81 14.55 -2.57
C ALA E 110 3.71 15.70 -3.56
N ALA E 111 3.10 15.37 -4.71
CA ALA E 111 2.68 16.37 -5.69
C ALA E 111 2.06 17.55 -4.98
N ARG E 112 0.88 17.36 -4.36
CA ARG E 112 0.17 18.46 -3.70
C ARG E 112 1.09 19.36 -2.87
N GLN E 113 2.02 18.75 -2.16
CA GLN E 113 2.93 19.50 -1.31
C GLN E 113 3.80 20.42 -2.18
N HIS E 114 4.32 19.86 -3.27
CA HIS E 114 5.23 20.58 -4.15
C HIS E 114 4.50 21.74 -4.83
N LEU E 115 3.34 21.40 -5.37
CA LEU E 115 2.42 22.38 -5.93
C LEU E 115 2.21 23.57 -5.00
N ILE E 116 1.77 23.33 -3.77
CA ILE E 116 1.58 24.39 -2.79
C ILE E 116 2.85 25.17 -2.49
N GLU E 117 3.98 24.46 -2.45
CA GLU E 117 5.25 25.11 -2.17
C GLU E 117 5.50 26.15 -3.27
N ALA E 118 5.26 25.73 -4.51
CA ALA E 118 5.40 26.59 -5.71
C ALA E 118 4.71 27.94 -5.57
N ASN E 119 3.47 27.89 -5.10
CA ASN E 119 2.58 29.02 -5.22
C ASN E 119 2.48 29.95 -4.02
N LEU E 120 3.36 29.72 -3.06
CA LEU E 120 3.39 30.54 -1.87
C LEU E 120 3.75 31.97 -2.21
N ARG E 121 4.60 32.15 -3.21
CA ARG E 121 4.95 33.52 -3.62
C ARG E 121 3.72 34.30 -4.11
N LEU E 122 2.73 33.57 -4.64
CA LEU E 122 1.52 34.18 -5.17
C LEU E 122 0.70 34.77 -4.04
N VAL E 123 0.29 33.90 -3.13
CA VAL E 123 -0.37 34.31 -1.90
C VAL E 123 0.24 35.59 -1.29
N VAL E 124 1.56 35.65 -1.17
CA VAL E 124 2.19 36.84 -0.64
C VAL E 124 1.97 38.07 -1.49
N SER E 125 2.04 37.93 -2.81
CA SER E 125 1.90 39.09 -3.69
C SER E 125 0.48 39.63 -3.64
N ILE E 126 -0.49 38.70 -3.62
CA ILE E 126 -1.90 39.06 -3.46
C ILE E 126 -2.18 39.65 -2.09
N ALA E 127 -1.56 39.06 -1.07
CA ALA E 127 -1.78 39.46 0.32
C ALA E 127 -1.46 40.92 0.53
N LYS E 128 -0.30 41.36 0.05
CA LYS E 128 0.09 42.77 0.08
C LYS E 128 -1.06 43.77 -0.23
N LYS E 129 -1.97 43.37 -1.12
CA LYS E 129 -3.03 44.25 -1.60
C LYS E 129 -4.00 44.59 -0.47
N TYR E 130 -4.00 43.74 0.56
CA TYR E 130 -5.02 43.79 1.62
C TYR E 130 -4.50 44.23 3.01
N THR E 131 -3.23 44.65 3.07
CA THR E 131 -2.72 45.22 4.31
C THR E 131 -3.51 46.47 4.61
N GLY E 132 -3.75 46.72 5.90
CA GLY E 132 -4.41 47.94 6.33
C GLY E 132 -5.90 47.75 6.48
N ARG E 133 -6.31 46.51 6.73
CA ARG E 133 -7.73 46.17 6.83
C ARG E 133 -8.06 45.46 8.13
N GLY E 134 -7.19 45.58 9.12
CA GLY E 134 -7.47 44.96 10.41
C GLY E 134 -7.05 43.51 10.52
N LEU E 135 -6.20 43.08 9.60
CA LEU E 135 -5.42 41.88 9.81
C LEU E 135 -3.93 42.24 9.68
N SER E 136 -3.12 41.68 10.57
CA SER E 136 -1.68 41.82 10.46
C SER E 136 -1.26 41.00 9.25
N PHE E 137 -0.08 41.31 8.74
CA PHE E 137 0.44 40.67 7.54
C PHE E 137 0.26 39.15 7.56
N LEU E 138 0.81 38.52 8.59
CA LEU E 138 0.88 37.05 8.69
C LEU E 138 -0.50 36.43 8.77
N ASP E 139 -1.47 37.20 9.25
CA ASP E 139 -2.85 36.71 9.30
C ASP E 139 -3.28 36.46 7.87
N LEU E 140 -3.10 37.50 7.06
CA LEU E 140 -3.40 37.48 5.63
C LEU E 140 -2.75 36.26 5.00
N ILE E 141 -1.44 36.13 5.19
CA ILE E 141 -0.68 35.00 4.69
C ILE E 141 -1.25 33.65 5.08
N GLN E 142 -1.80 33.54 6.28
CA GLN E 142 -2.37 32.28 6.72
C GLN E 142 -3.69 32.02 6.03
N GLU E 143 -4.52 33.06 5.99
CA GLU E 143 -5.79 32.97 5.30
C GLU E 143 -5.50 32.70 3.83
N GLY E 144 -4.60 33.51 3.25
CA GLY E 144 -4.10 33.30 1.91
C GLY E 144 -3.74 31.85 1.66
N ASN E 145 -2.85 31.29 2.48
CA ASN E 145 -2.43 29.90 2.28
C ASN E 145 -3.61 28.96 2.37
N GLN E 146 -4.52 29.26 3.27
CA GLN E 146 -5.67 28.40 3.48
C GLN E 146 -6.57 28.32 2.27
N GLY E 147 -6.73 29.47 1.60
CA GLY E 147 -7.42 29.54 0.33
C GLY E 147 -6.67 28.76 -0.74
N LEU E 148 -5.35 28.99 -0.81
CA LEU E 148 -4.50 28.28 -1.78
C LEU E 148 -4.64 26.75 -1.65
N ILE E 149 -4.77 26.26 -0.42
CA ILE E 149 -4.94 24.82 -0.19
C ILE E 149 -6.28 24.37 -0.71
N ARG E 150 -7.29 25.21 -0.47
CA ARG E 150 -8.64 24.95 -0.96
CA ARG E 150 -8.64 24.91 -0.95
C ARG E 150 -8.65 24.94 -2.49
N ALA E 151 -7.85 25.84 -3.04
CA ALA E 151 -7.68 25.99 -4.49
C ALA E 151 -7.19 24.68 -5.13
N VAL E 152 -6.07 24.17 -4.63
CA VAL E 152 -5.48 22.92 -5.11
C VAL E 152 -6.44 21.75 -4.98
N GLU E 153 -7.22 21.77 -3.90
CA GLU E 153 -8.21 20.74 -3.65
C GLU E 153 -9.18 20.62 -4.83
N LYS E 154 -9.68 21.77 -5.28
CA LYS E 154 -10.82 21.77 -6.19
C LYS E 154 -10.43 22.01 -7.66
N PHE E 155 -9.16 22.34 -7.89
CA PHE E 155 -8.64 22.59 -9.23
C PHE E 155 -8.82 21.44 -10.21
N GLU E 156 -9.43 21.71 -11.37
CA GLU E 156 -9.44 20.72 -12.43
C GLU E 156 -8.53 21.16 -13.58
N TYR E 157 -7.50 20.39 -13.90
CA TYR E 157 -6.55 20.94 -14.86
C TYR E 157 -7.08 20.87 -16.29
N LYS E 158 -8.00 19.94 -16.58
CA LYS E 158 -8.37 19.70 -17.99
C LYS E 158 -9.24 20.83 -18.54
N ARG E 159 -9.55 21.78 -17.67
CA ARG E 159 -10.19 23.00 -18.08
C ARG E 159 -9.25 23.94 -18.79
N ARG E 160 -8.00 23.52 -18.91
CA ARG E 160 -7.00 24.30 -19.63
C ARG E 160 -6.79 25.73 -19.09
N PHE E 161 -7.17 25.98 -17.84
CA PHE E 161 -6.80 27.26 -17.22
C PHE E 161 -5.57 27.13 -16.37
N LYS E 162 -4.68 28.12 -16.52
CA LYS E 162 -3.50 28.26 -15.70
C LYS E 162 -3.90 28.22 -14.24
N PHE E 163 -3.06 27.61 -13.43
CA PHE E 163 -3.38 27.44 -12.04
C PHE E 163 -3.54 28.83 -11.40
N SER E 164 -2.57 29.72 -11.60
CA SER E 164 -2.57 31.02 -10.92
C SER E 164 -3.91 31.77 -10.98
N THR E 165 -4.65 31.57 -12.06
CA THR E 165 -5.98 32.18 -12.19
C THR E 165 -6.92 31.72 -11.07
N TYR E 166 -7.19 30.41 -11.05
CA TYR E 166 -8.05 29.77 -10.05
C TYR E 166 -7.54 30.05 -8.64
N ALA E 167 -6.25 29.86 -8.45
CA ALA E 167 -5.62 30.09 -7.15
C ALA E 167 -5.92 31.50 -6.68
N THR E 168 -5.70 32.48 -7.55
CA THR E 168 -6.01 33.88 -7.24
C THR E 168 -7.44 34.08 -6.70
N TRP E 169 -8.39 33.37 -7.28
CA TRP E 169 -9.78 33.52 -6.90
C TRP E 169 -9.95 33.11 -5.44
N TRP E 170 -9.64 31.85 -5.15
CA TRP E 170 -9.61 31.34 -3.77
C TRP E 170 -8.75 32.16 -2.80
N ILE E 171 -7.57 32.58 -3.22
CA ILE E 171 -6.78 33.40 -2.32
C ILE E 171 -7.53 34.68 -1.95
N ARG E 172 -8.37 35.17 -2.86
CA ARG E 172 -9.06 36.42 -2.59
C ARG E 172 -10.33 36.17 -1.83
N GLN E 173 -10.97 35.06 -2.13
CA GLN E 173 -12.19 34.70 -1.45
C GLN E 173 -11.86 34.57 0.00
N ALA E 174 -10.67 34.01 0.24
CA ALA E 174 -10.18 33.62 1.55
C ALA E 174 -9.98 34.81 2.44
N ILE E 175 -9.01 35.62 2.07
CA ILE E 175 -8.78 36.92 2.69
C ILE E 175 -10.03 37.81 2.78
N ASN E 176 -10.92 37.75 1.79
CA ASN E 176 -12.10 38.60 1.83
C ASN E 176 -13.08 38.15 2.89
N ARG E 177 -13.44 36.88 2.86
CA ARG E 177 -14.28 36.31 3.90
C ARG E 177 -13.62 36.54 5.26
N ALA E 178 -12.32 36.29 5.33
CA ALA E 178 -11.54 36.57 6.53
C ALA E 178 -11.82 37.94 7.15
N ILE E 179 -11.51 39.02 6.44
CA ILE E 179 -11.72 40.37 6.95
C ILE E 179 -13.20 40.67 7.18
N ALA E 180 -14.08 39.87 6.57
CA ALA E 180 -15.51 40.04 6.79
C ALA E 180 -15.89 39.49 8.17
N ASP E 181 -15.21 38.42 8.58
CA ASP E 181 -15.41 37.84 9.90
C ASP E 181 -14.78 38.71 10.99
N GLN E 182 -14.22 39.85 10.59
CA GLN E 182 -13.70 40.83 11.54
C GLN E 182 -14.86 41.50 12.28
N ALA E 183 -15.96 41.76 11.58
CA ALA E 183 -17.16 42.33 12.20
C ALA E 183 -17.86 41.35 13.15
N SER F 6 8.77 1.99 17.76
CA SER F 6 7.49 1.43 18.23
C SER F 6 7.66 0.76 19.58
N ASP F 7 6.71 1.00 20.46
CA ASP F 7 6.61 0.28 21.74
C ASP F 7 6.05 -1.13 21.53
N PRO F 8 4.98 -1.26 20.72
CA PRO F 8 4.52 -2.57 20.25
C PRO F 8 5.62 -3.41 19.59
N VAL F 9 6.58 -2.76 18.96
CA VAL F 9 7.75 -3.44 18.39
C VAL F 9 8.44 -4.31 19.43
N ARG F 10 8.80 -3.73 20.58
CA ARG F 10 9.43 -4.48 21.66
C ARG F 10 8.58 -5.68 22.04
N GLN F 11 7.28 -5.61 21.75
CA GLN F 11 6.39 -6.72 22.05
C GLN F 11 6.47 -7.82 20.99
N TYR F 12 6.35 -7.44 19.71
CA TYR F 12 6.40 -8.42 18.62
C TYR F 12 7.63 -9.29 18.71
N LEU F 13 8.78 -8.65 18.89
CA LEU F 13 10.03 -9.38 19.15
C LEU F 13 9.90 -10.30 20.37
N HIS F 14 9.28 -9.82 21.45
CA HIS F 14 9.13 -10.69 22.61
C HIS F 14 8.23 -11.83 22.20
N GLU F 15 7.26 -11.51 21.35
CA GLU F 15 6.29 -12.48 20.88
C GLU F 15 7.00 -13.67 20.24
N ILE F 16 7.81 -13.38 19.24
CA ILE F 16 8.45 -14.40 18.42
C ILE F 16 9.65 -15.05 19.08
N GLY F 17 10.39 -14.28 19.87
CA GLY F 17 11.50 -14.82 20.63
C GLY F 17 11.12 -16.14 21.29
N GLN F 18 9.87 -16.21 21.74
CA GLN F 18 9.31 -17.42 22.32
C GLN F 18 9.39 -18.65 21.41
N VAL F 19 9.15 -18.44 20.12
CA VAL F 19 9.04 -19.52 19.16
C VAL F 19 10.35 -20.25 18.99
N PRO F 20 10.42 -21.50 19.47
CA PRO F 20 11.63 -22.30 19.43
C PRO F 20 11.90 -22.77 17.99
N LEU F 21 13.18 -22.89 17.59
CA LEU F 21 13.53 -23.24 16.20
C LEU F 21 13.22 -24.68 15.81
N LEU F 22 12.94 -24.90 14.54
CA LEU F 22 12.63 -26.25 14.07
C LEU F 22 13.88 -27.09 13.84
N THR F 23 13.89 -28.32 14.34
CA THR F 23 14.89 -29.29 13.91
C THR F 23 14.64 -29.61 12.47
N LEU F 24 15.57 -30.33 11.87
CA LEU F 24 15.47 -30.71 10.47
C LEU F 24 14.27 -31.62 10.12
N GLU F 25 14.05 -32.67 10.92
CA GLU F 25 12.92 -33.57 10.72
C GLU F 25 11.63 -32.76 10.79
N GLU F 26 11.52 -31.92 11.81
CA GLU F 26 10.41 -30.97 11.94
C GLU F 26 10.19 -30.15 10.66
N GLU F 27 11.24 -29.45 10.24
CA GLU F 27 11.27 -28.71 8.98
C GLU F 27 10.75 -29.53 7.78
N ILE F 28 11.30 -30.72 7.60
CA ILE F 28 10.91 -31.62 6.50
C ILE F 28 9.48 -32.14 6.63
N ASP F 29 9.03 -32.41 7.84
CA ASP F 29 7.68 -32.92 8.00
CA ASP F 29 7.69 -32.93 8.01
C ASP F 29 6.65 -31.84 7.71
N LEU F 30 6.86 -30.65 8.27
CA LEU F 30 5.92 -29.54 8.02
C LEU F 30 5.89 -29.24 6.54
N ALA F 31 7.09 -29.20 5.95
CA ALA F 31 7.26 -28.97 4.53
C ALA F 31 6.43 -29.91 3.68
N ARG F 32 6.48 -31.19 4.03
CA ARG F 32 5.79 -32.19 3.25
C ARG F 32 4.30 -32.00 3.45
N LYS F 33 3.89 -31.89 4.72
CA LYS F 33 2.52 -31.56 5.10
C LYS F 33 1.94 -30.45 4.23
N VAL F 34 2.69 -29.35 4.11
CA VAL F 34 2.34 -28.24 3.23
C VAL F 34 2.20 -28.66 1.75
N GLU F 35 3.09 -29.53 1.30
CA GLU F 35 3.07 -29.95 -0.09
C GLU F 35 1.77 -30.65 -0.37
N GLU F 36 1.39 -31.52 0.55
CA GLU F 36 0.22 -32.36 0.33
C GLU F 36 -1.03 -31.56 0.55
N GLY F 37 -0.92 -30.55 1.40
CA GLY F 37 -2.00 -29.62 1.62
C GLY F 37 -2.38 -28.95 0.31
N MET F 38 -1.38 -28.36 -0.35
CA MET F 38 -1.63 -27.61 -1.58
C MET F 38 -2.13 -28.52 -2.70
N GLU F 39 -1.79 -29.80 -2.62
CA GLU F 39 -2.25 -30.74 -3.63
C GLU F 39 -3.73 -31.06 -3.39
N ALA F 40 -4.08 -31.16 -2.12
CA ALA F 40 -5.44 -31.40 -1.66
C ALA F 40 -6.34 -30.26 -2.12
N ILE F 41 -5.93 -29.04 -1.80
CA ILE F 41 -6.61 -27.86 -2.30
C ILE F 41 -6.81 -27.89 -3.81
N LYS F 42 -5.78 -28.29 -4.56
CA LYS F 42 -5.89 -28.33 -6.02
C LYS F 42 -7.08 -29.16 -6.45
N LYS F 43 -7.28 -30.28 -5.79
CA LYS F 43 -8.43 -31.12 -6.11
C LYS F 43 -9.73 -30.45 -5.71
N LEU F 44 -9.72 -29.76 -4.57
CA LEU F 44 -10.92 -29.02 -4.13
C LEU F 44 -11.28 -27.91 -5.13
N SER F 45 -10.26 -27.23 -5.67
CA SER F 45 -10.47 -26.26 -6.74
C SER F 45 -11.10 -26.90 -7.98
N GLU F 46 -10.67 -28.11 -8.30
CA GLU F 46 -11.14 -28.78 -9.49
C GLU F 46 -12.58 -29.28 -9.30
N ALA F 47 -12.95 -29.59 -8.06
CA ALA F 47 -14.32 -30.05 -7.74
C ALA F 47 -15.34 -28.91 -7.72
N THR F 48 -15.10 -27.94 -6.84
CA THR F 48 -16.01 -26.81 -6.69
C THR F 48 -15.65 -25.57 -7.52
N GLY F 49 -14.86 -25.75 -8.58
CA GLY F 49 -14.54 -24.67 -9.50
C GLY F 49 -14.12 -23.35 -8.87
N LEU F 50 -13.75 -23.38 -7.59
CA LEU F 50 -13.30 -22.18 -6.91
C LEU F 50 -11.79 -22.06 -7.03
N ASP F 51 -11.28 -20.83 -7.15
CA ASP F 51 -9.85 -20.59 -7.25
C ASP F 51 -9.10 -21.24 -6.07
N GLN F 52 -7.89 -21.73 -6.35
CA GLN F 52 -7.11 -22.41 -5.33
C GLN F 52 -6.72 -21.46 -4.20
N GLU F 53 -6.14 -20.32 -4.55
CA GLU F 53 -5.67 -19.34 -3.58
CA GLU F 53 -5.67 -19.40 -3.53
C GLU F 53 -6.82 -18.83 -2.70
N LEU F 54 -8.04 -18.96 -3.21
CA LEU F 54 -9.24 -18.56 -2.50
C LEU F 54 -9.55 -19.59 -1.41
N ILE F 55 -9.64 -20.86 -1.84
CA ILE F 55 -9.89 -21.96 -0.92
C ILE F 55 -8.85 -21.94 0.18
N ARG F 56 -7.62 -21.61 -0.22
CA ARG F 56 -6.49 -21.54 0.67
CA ARG F 56 -6.49 -21.53 0.68
C ARG F 56 -6.72 -20.49 1.76
N GLU F 57 -6.93 -19.24 1.35
CA GLU F 57 -7.13 -18.14 2.28
C GLU F 57 -8.20 -18.44 3.32
N VAL F 58 -9.14 -19.30 2.95
CA VAL F 58 -10.24 -19.68 3.80
C VAL F 58 -9.81 -20.69 4.86
N VAL F 59 -9.12 -21.75 4.43
CA VAL F 59 -8.70 -22.78 5.36
C VAL F 59 -7.72 -22.16 6.35
N ARG F 60 -6.93 -21.21 5.85
CA ARG F 60 -5.98 -20.48 6.68
C ARG F 60 -6.68 -19.63 7.72
N ALA F 61 -7.80 -19.02 7.32
CA ALA F 61 -8.65 -18.26 8.24
C ALA F 61 -9.24 -19.16 9.31
N LYS F 62 -9.57 -20.39 8.91
CA LYS F 62 -10.14 -21.37 9.83
C LYS F 62 -9.12 -21.79 10.90
N ILE F 63 -7.88 -22.01 10.48
CA ILE F 63 -6.85 -22.53 11.39
C ILE F 63 -6.11 -21.45 12.19
N LEU F 64 -6.11 -20.22 11.66
CA LEU F 64 -5.42 -19.08 12.25
C LEU F 64 -5.64 -18.87 13.76
N GLY F 65 -6.70 -19.47 14.30
CA GLY F 65 -7.03 -19.31 15.70
C GLY F 65 -6.09 -20.05 16.62
N THR F 66 -5.50 -21.13 16.12
CA THR F 66 -4.62 -21.96 16.93
C THR F 66 -3.16 -21.55 16.80
N ALA F 67 -2.91 -20.50 16.02
CA ALA F 67 -1.55 -20.02 15.78
C ALA F 67 -0.89 -19.44 17.05
N ARG F 68 0.39 -19.77 17.22
CA ARG F 68 1.17 -19.26 18.34
C ARG F 68 1.34 -17.75 18.27
N ILE F 69 1.29 -17.18 17.07
CA ILE F 69 1.32 -15.72 16.87
C ILE F 69 0.16 -15.28 15.98
N GLN F 70 -0.55 -14.22 16.36
CA GLN F 70 -1.71 -13.79 15.56
C GLN F 70 -1.35 -12.74 14.52
N LYS F 71 -1.20 -11.51 14.97
CA LYS F 71 -1.01 -10.37 14.06
C LYS F 71 0.46 -10.23 13.72
N ILE F 72 0.80 -10.66 12.50
CA ILE F 72 2.19 -10.71 12.07
C ILE F 72 2.42 -9.70 10.97
N PRO F 73 3.32 -8.73 11.21
CA PRO F 73 3.59 -7.59 10.33
C PRO F 73 3.66 -7.96 8.83
N GLY F 74 3.08 -7.09 7.98
CA GLY F 74 3.11 -7.28 6.53
C GLY F 74 2.24 -8.39 5.97
N LEU F 75 1.71 -9.25 6.85
CA LEU F 75 0.90 -10.40 6.43
C LEU F 75 -0.54 -10.07 6.00
N LYS F 76 -0.96 -10.71 4.90
CA LYS F 76 -2.33 -10.60 4.43
C LYS F 76 -3.28 -10.96 5.56
N GLU F 77 -4.34 -10.18 5.69
CA GLU F 77 -5.32 -10.37 6.76
C GLU F 77 -6.37 -11.40 6.32
N LYS F 78 -7.13 -11.92 7.29
CA LYS F 78 -8.24 -12.85 7.01
C LYS F 78 -9.12 -12.24 5.92
N PRO F 79 -9.86 -13.09 5.18
CA PRO F 79 -10.52 -12.65 3.95
C PRO F 79 -11.85 -11.90 4.17
N ASP F 80 -12.34 -11.22 3.13
CA ASP F 80 -13.63 -10.54 3.22
C ASP F 80 -14.69 -11.57 3.60
N PRO F 81 -15.48 -11.26 4.63
CA PRO F 81 -16.37 -12.23 5.28
C PRO F 81 -17.47 -12.78 4.39
N LYS F 82 -17.72 -12.16 3.24
CA LYS F 82 -18.63 -12.74 2.27
C LYS F 82 -18.05 -14.10 1.88
N THR F 83 -16.88 -14.07 1.24
CA THR F 83 -16.20 -15.29 0.80
C THR F 83 -16.13 -16.38 1.88
N VAL F 84 -15.63 -16.04 3.07
CA VAL F 84 -15.45 -17.00 4.17
C VAL F 84 -16.71 -17.84 4.44
N GLU F 85 -17.85 -17.18 4.56
CA GLU F 85 -19.10 -17.89 4.83
C GLU F 85 -19.56 -18.73 3.64
N GLU F 86 -19.48 -18.15 2.44
CA GLU F 86 -20.03 -18.81 1.25
C GLU F 86 -19.26 -20.06 0.79
N VAL F 87 -17.95 -19.92 0.59
CA VAL F 87 -17.18 -21.08 0.14
C VAL F 87 -17.05 -22.15 1.22
N ASP F 88 -17.01 -21.75 2.50
CA ASP F 88 -16.96 -22.74 3.60
C ASP F 88 -18.28 -23.49 3.69
N GLY F 89 -19.37 -22.83 3.30
CA GLY F 89 -20.65 -23.50 3.15
C GLY F 89 -20.54 -24.48 1.99
N LYS F 90 -19.94 -24.01 0.89
CA LYS F 90 -19.76 -24.82 -0.31
C LYS F 90 -18.91 -26.07 -0.08
N LEU F 91 -18.19 -26.10 1.04
CA LEU F 91 -17.37 -27.26 1.41
C LEU F 91 -18.16 -28.26 2.24
N LYS F 92 -19.10 -27.75 3.04
CA LYS F 92 -20.05 -28.60 3.75
C LYS F 92 -20.89 -29.41 2.75
N SER F 93 -20.94 -28.93 1.50
CA SER F 93 -21.69 -29.57 0.42
C SER F 93 -21.04 -30.87 -0.05
N LEU F 94 -19.71 -30.92 0.04
CA LEU F 94 -18.94 -32.03 -0.50
C LEU F 94 -19.30 -33.40 0.06
N PRO F 95 -19.30 -34.42 -0.82
CA PRO F 95 -19.58 -35.83 -0.51
C PRO F 95 -18.64 -36.46 0.53
N LYS F 96 -18.76 -37.77 0.70
CA LYS F 96 -17.82 -38.52 1.53
C LYS F 96 -16.72 -38.96 0.57
N GLU F 97 -17.04 -38.87 -0.71
CA GLU F 97 -16.05 -39.09 -1.78
C GLU F 97 -14.84 -38.21 -1.55
N LEU F 98 -15.11 -37.06 -0.95
CA LEU F 98 -14.04 -36.28 -0.34
C LEU F 98 -14.34 -35.55 0.97
N LYS F 99 -13.88 -36.14 2.08
CA LYS F 99 -13.66 -35.39 3.31
C LYS F 99 -12.15 -35.34 3.48
N ARG F 100 -11.47 -36.22 2.75
CA ARG F 100 -10.03 -36.46 2.85
C ARG F 100 -9.25 -35.18 2.65
N TYR F 101 -9.25 -34.68 1.43
CA TYR F 101 -8.39 -33.57 1.05
C TYR F 101 -8.71 -32.31 1.87
N LEU F 102 -9.95 -32.16 2.31
CA LEU F 102 -10.29 -31.09 3.24
C LEU F 102 -9.49 -31.22 4.56
N HIS F 103 -9.46 -32.41 5.15
CA HIS F 103 -8.63 -32.68 6.33
CA HIS F 103 -8.63 -32.67 6.33
C HIS F 103 -7.17 -32.32 6.03
N ILE F 104 -6.67 -32.81 4.89
CA ILE F 104 -5.30 -32.56 4.46
C ILE F 104 -5.05 -31.08 4.27
N ALA F 105 -5.97 -30.41 3.61
CA ALA F 105 -5.83 -28.99 3.32
C ALA F 105 -5.74 -28.17 4.61
N ARG F 106 -6.28 -28.70 5.69
CA ARG F 106 -6.21 -28.03 6.99
C ARG F 106 -4.83 -28.24 7.59
N GLU F 107 -4.43 -29.51 7.65
CA GLU F 107 -3.09 -29.88 8.13
CA GLU F 107 -3.10 -29.87 8.13
C GLU F 107 -2.03 -29.03 7.45
N GLY F 108 -1.97 -29.13 6.12
CA GLY F 108 -1.05 -28.36 5.32
C GLY F 108 -0.98 -26.91 5.77
N GLU F 109 -2.11 -26.20 5.69
CA GLU F 109 -2.19 -24.79 6.07
C GLU F 109 -1.86 -24.51 7.52
N ALA F 110 -2.11 -25.50 8.37
CA ALA F 110 -1.73 -25.42 9.77
C ALA F 110 -0.22 -25.36 9.86
N ALA F 111 0.41 -26.38 9.27
CA ALA F 111 1.87 -26.52 9.22
C ALA F 111 2.51 -25.25 8.68
N ARG F 112 2.02 -24.80 7.54
CA ARG F 112 2.50 -23.58 6.93
C ARG F 112 2.59 -22.48 7.98
N GLN F 113 1.55 -22.33 8.78
CA GLN F 113 1.57 -21.31 9.81
C GLN F 113 2.67 -21.57 10.81
N HIS F 114 2.86 -22.84 11.15
CA HIS F 114 3.83 -23.22 12.15
C HIS F 114 5.23 -22.89 11.65
N LEU F 115 5.49 -23.30 10.41
CA LEU F 115 6.78 -23.14 9.75
C LEU F 115 7.17 -21.68 9.68
N ILE F 116 6.26 -20.84 9.19
CA ILE F 116 6.41 -19.40 9.30
C ILE F 116 6.83 -18.88 10.70
N GLU F 117 6.04 -19.23 11.72
CA GLU F 117 6.25 -18.70 13.06
C GLU F 117 7.65 -19.00 13.58
N ALA F 118 8.10 -20.22 13.30
CA ALA F 118 9.47 -20.64 13.63
C ALA F 118 10.50 -19.63 13.11
N ASN F 119 10.32 -19.25 11.84
CA ASN F 119 11.28 -18.45 11.11
C ASN F 119 11.08 -16.94 11.20
N LEU F 120 10.33 -16.49 12.19
CA LEU F 120 10.09 -15.06 12.28
C LEU F 120 11.33 -14.40 12.86
N ARG F 121 11.98 -15.12 13.77
CA ARG F 121 13.23 -14.67 14.37
C ARG F 121 14.26 -14.33 13.28
N LEU F 122 14.24 -15.09 12.20
CA LEU F 122 15.22 -14.95 11.13
C LEU F 122 15.08 -13.64 10.40
N VAL F 123 13.87 -13.38 9.89
CA VAL F 123 13.57 -12.17 9.16
C VAL F 123 14.12 -10.96 9.94
N VAL F 124 13.85 -10.94 11.24
CA VAL F 124 14.31 -9.86 12.11
C VAL F 124 15.82 -9.63 12.03
N SER F 125 16.60 -10.68 12.29
CA SER F 125 18.07 -10.59 12.29
C SER F 125 18.60 -10.19 10.92
N ILE F 126 17.99 -10.70 9.85
CA ILE F 126 18.34 -10.22 8.53
C ILE F 126 18.02 -8.72 8.43
N ALA F 127 16.84 -8.33 8.93
CA ALA F 127 16.33 -6.97 8.77
C ALA F 127 17.21 -5.91 9.41
N LYS F 128 17.74 -6.21 10.59
CA LYS F 128 18.64 -5.31 11.29
C LYS F 128 19.81 -4.79 10.45
N LYS F 129 20.18 -5.53 9.40
CA LYS F 129 21.35 -5.19 8.60
C LYS F 129 20.98 -4.27 7.46
N TYR F 130 19.70 -3.87 7.42
CA TYR F 130 19.18 -3.02 6.36
C TYR F 130 18.58 -1.73 6.90
N THR F 131 18.66 -1.58 8.22
CA THR F 131 18.14 -0.38 8.85
C THR F 131 18.91 0.84 8.36
N GLY F 132 18.23 1.99 8.36
CA GLY F 132 18.85 3.25 7.97
C GLY F 132 18.95 3.45 6.47
N ARG F 133 18.17 2.69 5.72
CA ARG F 133 18.27 2.74 4.27
C ARG F 133 17.16 3.57 3.68
N GLY F 134 16.27 4.05 4.55
CA GLY F 134 15.11 4.79 4.09
C GLY F 134 13.83 4.15 4.59
N LEU F 135 13.91 2.90 5.00
CA LEU F 135 12.75 2.23 5.59
C LEU F 135 12.90 2.19 7.09
N SER F 136 11.79 2.35 7.81
CA SER F 136 11.83 2.17 9.24
C SER F 136 12.00 0.68 9.51
N PHE F 137 12.34 0.34 10.75
CA PHE F 137 12.51 -1.06 11.15
C PHE F 137 11.34 -1.94 10.75
N LEU F 138 10.13 -1.42 10.90
CA LEU F 138 8.95 -2.23 10.69
C LEU F 138 8.68 -2.36 9.21
N ASP F 139 9.24 -1.45 8.41
CA ASP F 139 9.13 -1.59 6.98
C ASP F 139 9.93 -2.83 6.60
N LEU F 140 11.05 -3.03 7.28
CA LEU F 140 11.89 -4.18 7.02
C LEU F 140 11.21 -5.46 7.48
N ILE F 141 10.61 -5.42 8.67
CA ILE F 141 9.90 -6.57 9.20
C ILE F 141 8.71 -6.98 8.35
N GLN F 142 7.92 -6.01 7.92
CA GLN F 142 6.80 -6.31 7.03
C GLN F 142 7.31 -6.86 5.71
N GLU F 143 8.12 -6.07 5.00
CA GLU F 143 8.74 -6.50 3.74
C GLU F 143 9.51 -7.81 3.87
N GLY F 144 10.24 -7.94 4.97
CA GLY F 144 10.90 -9.19 5.29
C GLY F 144 9.89 -10.31 5.34
N ASN F 145 9.04 -10.30 6.37
CA ASN F 145 8.05 -11.36 6.62
C ASN F 145 7.37 -11.78 5.32
N GLN F 146 7.06 -10.77 4.49
CA GLN F 146 6.42 -11.01 3.20
C GLN F 146 7.22 -11.97 2.30
N GLY F 147 8.52 -11.73 2.16
CA GLY F 147 9.40 -12.64 1.45
C GLY F 147 9.47 -14.03 2.11
N LEU F 148 9.60 -14.05 3.44
CA LEU F 148 9.54 -15.33 4.15
C LEU F 148 8.32 -16.21 3.75
N ILE F 149 7.17 -15.62 3.47
CA ILE F 149 6.03 -16.44 3.04
C ILE F 149 6.17 -16.89 1.60
N ARG F 150 6.71 -16.02 0.77
CA ARG F 150 6.98 -16.39 -0.61
C ARG F 150 7.95 -17.54 -0.55
N ALA F 151 8.80 -17.53 0.47
CA ALA F 151 9.83 -18.55 0.57
C ALA F 151 9.17 -19.89 0.90
N VAL F 152 8.18 -19.87 1.80
CA VAL F 152 7.45 -21.07 2.15
C VAL F 152 6.65 -21.61 0.97
N GLU F 153 6.12 -20.72 0.15
CA GLU F 153 5.39 -21.14 -1.05
C GLU F 153 6.32 -21.92 -1.97
N LYS F 154 7.44 -21.30 -2.33
CA LYS F 154 8.32 -21.85 -3.34
C LYS F 154 9.25 -23.00 -2.93
N PHE F 155 9.44 -23.22 -1.62
CA PHE F 155 10.50 -24.07 -1.07
C PHE F 155 10.41 -25.56 -1.34
N GLU F 156 11.48 -26.17 -1.84
CA GLU F 156 11.45 -27.63 -2.14
C GLU F 156 12.28 -28.53 -1.18
N TYR F 157 11.59 -29.06 -0.18
CA TYR F 157 12.28 -29.81 0.87
C TYR F 157 13.11 -30.98 0.34
N LYS F 158 12.97 -31.33 -0.94
CA LYS F 158 13.65 -32.52 -1.46
C LYS F 158 15.06 -32.22 -1.96
N ARG F 159 15.40 -30.95 -1.94
CA ARG F 159 16.71 -30.53 -2.41
C ARG F 159 17.76 -30.71 -1.30
N ARG F 160 17.29 -30.95 -0.09
CA ARG F 160 18.19 -31.17 1.01
C ARG F 160 18.98 -29.91 1.37
N PHE F 161 18.37 -28.76 1.04
CA PHE F 161 18.89 -27.49 1.53
C PHE F 161 18.15 -27.05 2.76
N LYS F 162 18.87 -26.51 3.72
CA LYS F 162 18.27 -26.10 4.98
C LYS F 162 17.30 -24.96 4.69
N PHE F 163 16.20 -24.88 5.43
CA PHE F 163 15.18 -23.92 5.07
C PHE F 163 15.72 -22.49 5.14
N SER F 164 16.60 -22.23 6.11
CA SER F 164 17.19 -20.88 6.27
C SER F 164 18.03 -20.36 5.07
N THR F 165 18.69 -21.28 4.36
CA THR F 165 19.39 -20.94 3.13
C THR F 165 18.45 -20.18 2.20
N TYR F 166 17.45 -20.90 1.71
CA TYR F 166 16.39 -20.34 0.87
C TYR F 166 15.70 -19.10 1.48
N ALA F 167 15.10 -19.30 2.65
CA ALA F 167 14.45 -18.22 3.39
C ALA F 167 15.24 -16.91 3.39
N THR F 168 16.50 -16.95 3.80
CA THR F 168 17.40 -15.80 3.71
C THR F 168 17.39 -15.15 2.33
N TRP F 169 17.63 -15.97 1.30
CA TRP F 169 17.66 -15.49 -0.08
C TRP F 169 16.45 -14.65 -0.42
N TRP F 170 15.28 -15.16 -0.07
CA TRP F 170 14.03 -14.48 -0.34
C TRP F 170 13.87 -13.24 0.52
N ILE F 171 14.20 -13.37 1.80
CA ILE F 171 14.05 -12.24 2.70
C ILE F 171 14.93 -11.09 2.23
N ARG F 172 16.14 -11.43 1.78
CA ARG F 172 17.03 -10.39 1.28
C ARG F 172 16.43 -9.79 0.02
N GLN F 173 16.08 -10.66 -0.93
CA GLN F 173 15.52 -10.24 -2.22
C GLN F 173 14.38 -9.28 -2.01
N ALA F 174 13.57 -9.60 -1.00
CA ALA F 174 12.36 -8.85 -0.69
C ALA F 174 12.63 -7.47 -0.12
N ILE F 175 13.55 -7.39 0.84
CA ILE F 175 13.95 -6.10 1.38
C ILE F 175 14.69 -5.24 0.33
N ASN F 176 15.36 -5.90 -0.60
CA ASN F 176 16.02 -5.17 -1.67
C ASN F 176 15.00 -4.69 -2.69
N ARG F 177 14.00 -5.52 -2.97
CA ARG F 177 12.88 -5.11 -3.81
C ARG F 177 12.34 -3.81 -3.22
N ALA F 178 11.98 -3.87 -1.94
CA ALA F 178 11.47 -2.72 -1.21
C ALA F 178 12.39 -1.53 -1.37
N ILE F 179 13.50 -1.56 -0.63
CA ILE F 179 14.42 -0.43 -0.53
C ILE F 179 14.69 0.30 -1.86
N ALA F 180 14.79 -0.47 -2.94
CA ALA F 180 14.99 0.09 -4.27
C ALA F 180 13.69 0.42 -5.04
N ASP F 181 12.53 0.15 -4.44
CA ASP F 181 11.26 0.58 -5.01
C ASP F 181 10.95 1.98 -4.52
N GLN F 182 11.74 2.43 -3.55
CA GLN F 182 11.59 3.75 -2.93
C GLN F 182 11.82 4.86 -3.95
N ALA F 183 12.59 4.51 -4.98
CA ALA F 183 12.91 5.44 -6.06
C ALA F 183 11.67 5.86 -6.83
N ARG F 184 10.65 5.01 -6.81
CA ARG F 184 9.36 5.29 -7.45
C ARG F 184 9.48 5.53 -8.95
N THR F 185 8.93 6.67 -9.40
CA THR F 185 8.88 7.07 -10.81
C THR F 185 7.84 6.31 -11.66
N ILE F 186 6.89 5.67 -10.98
CA ILE F 186 5.67 5.18 -11.64
C ILE F 186 4.90 6.45 -12.04
N ARG F 187 4.21 6.54 -13.19
CA ARG F 187 4.12 5.65 -14.39
C ARG F 187 2.90 4.72 -14.47
N ILE F 188 2.11 4.62 -13.40
CA ILE F 188 0.93 3.75 -13.41
C ILE F 188 -0.41 4.47 -13.15
N PRO F 189 -1.27 4.50 -14.17
CA PRO F 189 -2.59 5.13 -14.16
C PRO F 189 -3.60 4.46 -13.24
N VAL F 190 -4.20 5.20 -12.29
CA VAL F 190 -5.13 4.65 -11.30
C VAL F 190 -6.34 3.94 -11.90
N HIS F 191 -6.73 4.32 -13.12
CA HIS F 191 -7.86 3.68 -13.75
C HIS F 191 -7.42 2.36 -14.39
N MET F 192 -6.11 2.12 -14.42
CA MET F 192 -5.57 0.87 -14.97
C MET F 192 -5.24 -0.19 -13.90
N VAL F 193 -5.02 0.26 -12.66
CA VAL F 193 -4.72 -0.65 -11.55
C VAL F 193 -5.72 -1.77 -11.41
N GLU F 194 -7.01 -1.44 -11.53
CA GLU F 194 -8.07 -2.43 -11.50
C GLU F 194 -7.84 -3.53 -12.53
N THR F 195 -7.94 -3.19 -13.82
CA THR F 195 -7.78 -4.20 -14.87
C THR F 195 -6.33 -4.63 -15.11
N ILE F 196 -5.44 -4.19 -14.23
CA ILE F 196 -4.06 -4.67 -14.24
C ILE F 196 -3.88 -5.70 -13.13
N ASN F 197 -4.47 -5.42 -11.97
CA ASN F 197 -4.55 -6.42 -10.92
C ASN F 197 -5.33 -7.61 -11.42
N LYS F 198 -6.50 -7.33 -11.97
CA LYS F 198 -7.38 -8.33 -12.53
C LYS F 198 -6.71 -9.06 -13.70
N LEU F 199 -5.52 -8.61 -14.08
CA LEU F 199 -4.73 -9.30 -15.08
C LEU F 199 -3.54 -10.04 -14.46
N SER F 200 -3.20 -9.65 -13.22
CA SER F 200 -2.20 -10.38 -12.45
C SER F 200 -2.82 -11.58 -11.74
N ARG F 201 -4.06 -11.42 -11.28
CA ARG F 201 -4.85 -12.55 -10.80
C ARG F 201 -5.19 -13.48 -11.97
N THR F 202 -5.44 -12.89 -13.14
CA THR F 202 -5.77 -13.66 -14.34
C THR F 202 -4.58 -14.47 -14.84
N ALA F 203 -3.38 -13.89 -14.71
CA ALA F 203 -2.17 -14.57 -15.16
C ALA F 203 -1.64 -15.50 -14.08
N ARG F 204 -2.22 -15.42 -12.89
CA ARG F 204 -1.85 -16.33 -11.80
C ARG F 204 -2.83 -17.51 -11.64
N GLN F 205 -4.14 -17.26 -11.73
CA GLN F 205 -5.15 -18.31 -11.63
C GLN F 205 -5.18 -19.21 -12.86
N LEU F 206 -4.78 -18.67 -14.00
CA LEU F 206 -4.66 -19.45 -15.23
C LEU F 206 -3.47 -20.40 -15.14
N GLN F 207 -2.63 -20.17 -14.13
CA GLN F 207 -1.50 -21.05 -13.85
C GLN F 207 -1.87 -22.06 -12.75
N GLN F 208 -3.07 -21.90 -12.18
CA GLN F 208 -3.60 -22.86 -11.20
C GLN F 208 -4.62 -23.81 -11.83
N GLU F 209 -4.81 -23.67 -13.14
CA GLU F 209 -5.69 -24.54 -13.91
C GLU F 209 -4.94 -25.23 -15.05
N LEU F 210 -4.34 -24.44 -15.94
CA LEU F 210 -3.57 -24.98 -17.06
C LEU F 210 -2.19 -25.48 -16.63
N GLY F 211 -1.63 -24.87 -15.57
CA GLY F 211 -0.42 -25.38 -14.95
C GLY F 211 0.89 -24.82 -15.48
N ARG F 212 0.83 -23.68 -16.15
CA ARG F 212 2.01 -23.06 -16.71
C ARG F 212 1.77 -21.57 -16.87
N GLU F 213 2.82 -20.82 -17.16
CA GLU F 213 2.69 -19.39 -17.42
C GLU F 213 2.10 -19.17 -18.82
N PRO F 214 0.84 -18.72 -18.87
CA PRO F 214 0.07 -18.70 -20.12
C PRO F 214 0.61 -17.73 -21.19
N SER F 215 0.17 -17.93 -22.43
CA SER F 215 0.41 -16.97 -23.49
C SER F 215 -0.71 -15.94 -23.49
N TYR F 216 -0.47 -14.80 -24.13
CA TYR F 216 -1.38 -13.66 -24.09
C TYR F 216 -2.81 -13.99 -24.54
N GLU F 217 -2.92 -14.76 -25.62
CA GLU F 217 -4.18 -15.07 -26.27
C GLU F 217 -5.21 -15.76 -25.37
N GLU F 218 -4.73 -16.60 -24.47
CA GLU F 218 -5.57 -17.30 -23.50
C GLU F 218 -5.98 -16.36 -22.38
N ILE F 219 -5.06 -15.49 -21.99
CA ILE F 219 -5.35 -14.45 -21.02
C ILE F 219 -6.35 -13.48 -21.67
N ALA F 220 -6.14 -13.22 -22.97
CA ALA F 220 -7.07 -12.40 -23.76
C ALA F 220 -8.37 -13.16 -24.01
N GLU F 221 -8.34 -14.46 -23.72
CA GLU F 221 -9.54 -15.27 -23.75
C GLU F 221 -10.30 -15.12 -22.45
N ALA F 222 -9.57 -14.99 -21.35
CA ALA F 222 -10.18 -14.84 -20.02
C ALA F 222 -10.62 -13.40 -19.72
N MET F 223 -10.15 -12.47 -20.55
CA MET F 223 -10.54 -11.08 -20.48
C MET F 223 -11.35 -10.69 -21.72
N GLY F 224 -11.58 -11.67 -22.59
CA GLY F 224 -12.34 -11.47 -23.81
C GLY F 224 -13.82 -11.31 -23.53
N PRO F 225 -14.55 -10.72 -24.51
CA PRO F 225 -13.97 -10.23 -25.76
C PRO F 225 -13.35 -8.85 -25.55
N GLY F 226 -12.93 -8.21 -26.64
CA GLY F 226 -12.36 -6.88 -26.56
C GLY F 226 -10.91 -6.90 -26.14
N TRP F 227 -10.53 -7.93 -25.39
CA TRP F 227 -9.13 -8.12 -25.02
C TRP F 227 -8.50 -9.14 -25.96
N ASP F 228 -7.51 -8.67 -26.71
CA ASP F 228 -6.69 -9.52 -27.55
C ASP F 228 -5.26 -9.42 -27.05
N ALA F 229 -4.35 -10.15 -27.69
CA ALA F 229 -2.97 -10.26 -27.23
C ALA F 229 -2.23 -8.93 -27.11
N LYS F 230 -2.34 -8.10 -28.14
CA LYS F 230 -1.62 -6.83 -28.16
C LYS F 230 -2.03 -5.95 -26.99
N ARG F 231 -3.33 -5.92 -26.72
CA ARG F 231 -3.86 -5.13 -25.62
C ARG F 231 -3.20 -5.52 -24.30
N VAL F 232 -3.22 -6.81 -24.01
CA VAL F 232 -2.71 -7.31 -22.74
C VAL F 232 -1.19 -7.19 -22.63
N GLU F 233 -0.53 -7.04 -23.78
CA GLU F 233 0.92 -6.85 -23.77
C GLU F 233 1.24 -5.40 -23.48
N GLU F 234 0.63 -4.51 -24.25
CA GLU F 234 0.79 -3.07 -24.08
C GLU F 234 0.43 -2.69 -22.65
N THR F 235 -0.55 -3.41 -22.12
CA THR F 235 -0.95 -3.25 -20.73
C THR F 235 0.21 -3.61 -19.80
N LEU F 236 0.89 -4.69 -20.12
CA LEU F 236 1.89 -5.25 -19.21
C LEU F 236 3.21 -4.49 -19.22
N LYS F 237 3.28 -3.41 -20.01
CA LYS F 237 4.52 -2.67 -20.22
C LYS F 237 5.13 -2.10 -18.94
N ILE F 238 4.37 -2.10 -17.85
CA ILE F 238 4.77 -1.44 -16.62
C ILE F 238 5.21 -2.42 -15.53
N ALA F 239 5.05 -3.72 -15.79
CA ALA F 239 5.41 -4.76 -14.83
C ALA F 239 6.93 -4.92 -14.68
K K G . 8.48 45.06 -17.00
K K H . 10.66 46.11 -14.94
K K I . 13.10 47.29 -12.62
K K J . 15.51 48.45 -10.34
K K K . 17.89 49.59 -8.08
#